data_5TWL
#
_entry.id   5TWL
#
_cell.length_a   57.520
_cell.length_b   68.300
_cell.length_c   104.950
_cell.angle_alpha   90.000
_cell.angle_beta   90.000
_cell.angle_gamma   90.000
#
_symmetry.space_group_name_H-M   'P 21 21 21'
#
loop_
_entity.id
_entity.type
_entity.pdbx_description
1 polymer 'Maternal embryonic leucine zipper kinase'
2 non-polymer 9-(3,5-dichloro-4-hydroxyphenyl)-1-{trans-4-[(dimethylamino)methyl]cyclohexyl}-3,4-dihydropyrimido[5,4-c]quinolin-2(1H)-one
3 water water
#
_entity_poly.entity_id   1
_entity_poly.type   'polypeptide(L)'
_entity_poly.pdbx_seq_one_letter_code
;GSKDYDELLKYYELHETIGTGGFAKVKLACHILTGEMVAIKIMDKNTLGSDLPRIKTEIEALKNLRHQHICQLYHVLETA
NKIFMVLEYCPGGELFDYIISQDRLSEEETRVVFRQIVSAVAYVHSQGYAHRDLKPENLLFDEYHKLKLIDFGLCAKPKG
NKDYHLQTCCGSLAYAAPELIQGKSYLGSEADVWSMGILLYVLMCGFLPFDDDNVMALYKKIMRGKYDVPKWLSPSSILL
LQQMLQVDPKKRISMKNLLNHPWIMQDYNYPVEWQSKNPFIHLDDDCVTELSVHHRNNRQTMEDLISLWQYDHLTATYLL
LLAKKARGKPVRLRLSSFSCG
;
_entity_poly.pdbx_strand_id   A
#
# COMPACT_ATOMS: atom_id res chain seq x y z
N GLY A 1 -16.43 -16.43 17.63
CA GLY A 1 -17.37 -16.23 18.72
C GLY A 1 -17.25 -14.87 19.36
N SER A 2 -18.08 -14.61 20.38
CA SER A 2 -17.96 -13.37 21.13
C SER A 2 -16.64 -13.31 21.88
N LYS A 3 -16.06 -14.47 22.18
CA LYS A 3 -14.72 -14.49 22.77
C LYS A 3 -13.68 -13.93 21.81
N ASP A 4 -13.86 -14.13 20.51
CA ASP A 4 -12.93 -13.65 19.52
C ASP A 4 -12.93 -12.12 19.39
N TYR A 5 -13.90 -11.45 19.99
CA TYR A 5 -14.00 -10.00 19.90
C TYR A 5 -13.78 -9.31 21.24
N ASP A 6 -13.57 -10.06 22.32
CA ASP A 6 -13.41 -9.47 23.64
C ASP A 6 -12.26 -8.47 23.66
N GLU A 7 -11.04 -8.95 23.39
CA GLU A 7 -9.87 -8.08 23.42
C GLU A 7 -10.00 -6.96 22.39
N LEU A 8 -10.56 -7.27 21.22
CA LEU A 8 -10.72 -6.25 20.18
C LEU A 8 -11.58 -5.10 20.66
N LEU A 9 -12.76 -5.39 21.20
CA LEU A 9 -13.70 -4.36 21.60
C LEU A 9 -13.27 -3.59 22.84
N LYS A 10 -12.17 -3.97 23.50
CA LYS A 10 -11.61 -3.12 24.54
C LYS A 10 -10.90 -1.91 23.97
N TYR A 11 -10.56 -1.93 22.67
CA TYR A 11 -9.74 -0.91 22.06
C TYR A 11 -10.39 -0.17 20.91
N TYR A 12 -11.42 -0.74 20.28
CA TYR A 12 -12.02 -0.13 19.11
C TYR A 12 -13.54 -0.28 19.17
N GLU A 13 -14.25 0.72 18.64
CA GLU A 13 -15.69 0.66 18.43
C GLU A 13 -15.94 0.40 16.95
N LEU A 14 -16.67 -0.67 16.65
CA LEU A 14 -16.86 -1.09 15.27
C LEU A 14 -17.97 -0.27 14.62
N HIS A 15 -17.69 0.23 13.43
CA HIS A 15 -18.70 0.86 12.58
C HIS A 15 -19.06 -0.10 11.44
N GLU A 16 -19.56 0.43 10.33
CA GLU A 16 -20.08 -0.41 9.27
C GLU A 16 -18.96 -1.13 8.52
N THR A 17 -19.35 -2.17 7.78
CA THR A 17 -18.43 -2.87 6.88
C THR A 17 -18.22 -2.02 5.64
N ILE A 18 -16.96 -1.71 5.33
CA ILE A 18 -16.63 -0.88 4.18
C ILE A 18 -16.07 -1.67 3.02
N GLY A 19 -15.91 -2.98 3.16
CA GLY A 19 -15.43 -3.78 2.05
C GLY A 19 -15.20 -5.24 2.36
N THR A 20 -15.57 -6.10 1.41
CA THR A 20 -15.41 -7.54 1.58
C THR A 20 -14.44 -8.10 0.56
N GLY A 21 -13.45 -7.29 0.18
CA GLY A 21 -12.45 -7.71 -0.79
C GLY A 21 -11.71 -8.96 -0.36
N GLY A 22 -11.42 -9.83 -1.32
CA GLY A 22 -10.71 -11.06 -1.04
C GLY A 22 -11.51 -12.01 -0.16
N PHE A 23 -10.82 -12.68 0.76
CA PHE A 23 -11.47 -13.61 1.66
C PHE A 23 -11.65 -13.01 3.05
N ALA A 24 -11.30 -11.73 3.19
CA ALA A 24 -11.41 -11.04 4.46
C ALA A 24 -12.43 -9.91 4.35
N LYS A 25 -12.96 -9.53 5.52
CA LYS A 25 -13.79 -8.34 5.65
C LYS A 25 -12.97 -7.20 6.23
N VAL A 26 -13.33 -5.98 5.84
CA VAL A 26 -12.71 -4.78 6.37
C VAL A 26 -13.82 -3.89 6.93
N LYS A 27 -13.70 -3.52 8.20
CA LYS A 27 -14.67 -2.69 8.88
C LYS A 27 -14.07 -1.34 9.24
N LEU A 28 -14.88 -0.30 9.11
CA LEU A 28 -14.53 0.99 9.69
C LEU A 28 -14.68 0.92 11.20
N ALA A 29 -13.71 1.48 11.92
CA ALA A 29 -13.73 1.42 13.37
C ALA A 29 -13.09 2.68 13.93
N CYS A 30 -13.25 2.86 15.24
CA CYS A 30 -12.76 4.04 15.95
C CYS A 30 -11.93 3.60 17.13
N HIS A 31 -10.65 3.97 17.14
CA HIS A 31 -9.78 3.72 18.27
C HIS A 31 -10.27 4.52 19.46
N ILE A 32 -10.73 3.82 20.51
CA ILE A 32 -11.43 4.48 21.61
C ILE A 32 -10.54 5.51 22.29
N LEU A 33 -9.27 5.18 22.51
CA LEU A 33 -8.41 6.03 23.31
C LEU A 33 -8.13 7.36 22.62
N THR A 34 -7.82 7.33 21.32
CA THR A 34 -7.49 8.55 20.59
C THR A 34 -8.67 9.13 19.82
N GLY A 35 -9.67 8.31 19.49
CA GLY A 35 -10.75 8.75 18.64
C GLY A 35 -10.47 8.65 17.15
N GLU A 36 -9.26 8.27 16.77
CA GLU A 36 -8.90 8.20 15.36
C GLU A 36 -9.62 7.04 14.68
N MET A 37 -10.06 7.27 13.45
CA MET A 37 -10.71 6.24 12.66
C MET A 37 -9.66 5.35 12.00
N VAL A 38 -9.90 4.04 12.05
CA VAL A 38 -8.98 3.06 11.47
C VAL A 38 -9.80 2.06 10.65
N ALA A 39 -9.09 1.28 9.84
CA ALA A 39 -9.67 0.16 9.11
C ALA A 39 -9.19 -1.12 9.76
N ILE A 40 -10.11 -2.05 9.99
CA ILE A 40 -9.81 -3.31 10.66
C ILE A 40 -10.07 -4.44 9.68
N LYS A 41 -9.01 -5.14 9.29
CA LYS A 41 -9.13 -6.33 8.45
C LYS A 41 -9.43 -7.53 9.33
N ILE A 42 -10.56 -8.17 9.12
CA ILE A 42 -10.99 -9.32 9.91
C ILE A 42 -10.87 -10.57 9.06
N MET A 43 -10.20 -11.58 9.60
CA MET A 43 -10.00 -12.86 8.92
C MET A 43 -10.39 -14.00 9.85
N ASP A 44 -11.08 -14.99 9.30
CA ASP A 44 -11.42 -16.21 10.01
C ASP A 44 -10.38 -17.27 9.68
N LYS A 45 -9.67 -17.75 10.71
CA LYS A 45 -8.58 -18.70 10.48
C LYS A 45 -9.09 -20.02 9.92
N ASN A 46 -10.27 -20.47 10.38
CA ASN A 46 -10.84 -21.70 9.84
C ASN A 46 -11.32 -21.56 8.40
N THR A 47 -11.48 -20.32 7.93
CA THR A 47 -11.93 -20.06 6.57
C THR A 47 -10.81 -19.69 5.62
N LEU A 48 -9.69 -19.16 6.14
CA LEU A 48 -8.59 -18.74 5.28
C LEU A 48 -7.99 -19.92 4.52
N GLY A 49 -8.02 -21.12 5.11
CA GLY A 49 -7.53 -22.30 4.45
C GLY A 49 -6.06 -22.24 4.05
N SER A 50 -5.78 -22.38 2.75
CA SER A 50 -4.41 -22.31 2.27
C SER A 50 -3.94 -20.88 2.01
N ASP A 51 -4.85 -19.90 2.02
CA ASP A 51 -4.48 -18.50 1.90
C ASP A 51 -4.00 -17.91 3.23
N LEU A 52 -3.90 -18.73 4.28
CA LEU A 52 -3.53 -18.32 5.62
C LEU A 52 -2.04 -17.99 5.73
N PRO A 53 -1.13 -18.78 5.13
CA PRO A 53 0.29 -18.36 5.16
C PRO A 53 0.56 -17.03 4.51
N ARG A 54 -0.22 -16.67 3.48
CA ARG A 54 -0.05 -15.37 2.84
C ARG A 54 -0.44 -14.23 3.76
N ILE A 55 -1.34 -14.47 4.72
CA ILE A 55 -1.68 -13.45 5.70
C ILE A 55 -0.50 -13.19 6.62
N LYS A 56 0.17 -14.24 7.09
CA LYS A 56 1.39 -14.07 7.85
C LYS A 56 2.45 -13.35 7.03
N THR A 57 2.52 -13.65 5.74
CA THR A 57 3.47 -12.96 4.86
C THR A 57 3.20 -11.46 4.83
N GLU A 58 1.92 -11.07 4.73
CA GLU A 58 1.60 -9.65 4.68
C GLU A 58 1.86 -8.96 6.01
N ILE A 59 1.62 -9.66 7.12
CA ILE A 59 1.84 -9.06 8.43
C ILE A 59 3.33 -8.85 8.67
N GLU A 60 4.14 -9.89 8.41
CA GLU A 60 5.58 -9.76 8.58
C GLU A 60 6.14 -8.65 7.69
N ALA A 61 5.61 -8.52 6.47
CA ALA A 61 6.06 -7.45 5.59
C ALA A 61 5.62 -6.08 6.11
N LEU A 62 4.37 -5.97 6.55
CA LEU A 62 3.88 -4.68 7.04
C LEU A 62 4.60 -4.25 8.30
N LYS A 63 5.01 -5.19 9.15
CA LYS A 63 5.81 -4.85 10.32
C LYS A 63 7.17 -4.28 9.93
N ASN A 64 7.66 -4.63 8.74
CA ASN A 64 8.98 -4.20 8.27
C ASN A 64 8.92 -3.09 7.24
N LEU A 65 7.72 -2.61 6.91
CA LEU A 65 7.55 -1.50 5.96
C LEU A 65 6.80 -0.38 6.65
N ARG A 66 7.45 0.79 6.75
CA ARG A 66 6.85 1.99 7.34
C ARG A 66 7.23 3.17 6.45
N HIS A 67 6.26 3.71 5.73
CA HIS A 67 6.56 4.73 4.72
C HIS A 67 5.29 5.50 4.41
N GLN A 68 5.47 6.78 4.03
CA GLN A 68 4.36 7.72 3.89
C GLN A 68 3.37 7.31 2.80
N HIS A 69 3.71 6.34 1.96
CA HIS A 69 2.86 5.90 0.87
C HIS A 69 2.60 4.39 0.94
N ILE A 70 2.75 3.80 2.12
CA ILE A 70 2.39 2.40 2.35
C ILE A 70 1.40 2.38 3.51
N CYS A 71 0.27 1.70 3.32
CA CYS A 71 -0.78 1.65 4.34
C CYS A 71 -0.20 1.14 5.65
N GLN A 72 -0.30 1.96 6.70
CA GLN A 72 0.38 1.69 7.95
C GLN A 72 -0.35 0.61 8.75
N LEU A 73 0.40 -0.37 9.23
CA LEU A 73 -0.11 -1.37 10.15
C LEU A 73 0.03 -0.85 11.58
N TYR A 74 -1.09 -0.85 12.31
CA TYR A 74 -1.12 -0.33 13.67
C TYR A 74 -1.15 -1.42 14.73
N HIS A 75 -1.87 -2.51 14.47
CA HIS A 75 -2.21 -3.45 15.54
C HIS A 75 -2.54 -4.80 14.92
N VAL A 76 -1.90 -5.85 15.40
CA VAL A 76 -2.19 -7.22 15.00
C VAL A 76 -2.71 -7.95 16.24
N LEU A 77 -3.94 -8.43 16.16
CA LEU A 77 -4.58 -9.17 17.25
C LEU A 77 -5.04 -10.51 16.71
N GLU A 78 -4.52 -11.60 17.27
CA GLU A 78 -4.92 -12.94 16.89
C GLU A 78 -5.64 -13.60 18.05
N THR A 79 -6.82 -14.15 17.78
CA THR A 79 -7.60 -14.91 18.75
C THR A 79 -7.57 -16.39 18.34
N ALA A 80 -8.46 -17.17 18.95
CA ALA A 80 -8.48 -18.60 18.67
C ALA A 80 -8.93 -18.89 17.24
N ASN A 81 -9.82 -18.08 16.68
CA ASN A 81 -10.33 -18.31 15.34
C ASN A 81 -10.21 -17.10 14.42
N LYS A 82 -9.71 -15.96 14.91
CA LYS A 82 -9.68 -14.74 14.12
C LYS A 82 -8.30 -14.09 14.18
N ILE A 83 -7.94 -13.43 13.08
CA ILE A 83 -6.78 -12.54 13.03
C ILE A 83 -7.29 -11.15 12.66
N PHE A 84 -6.94 -10.17 13.47
CA PHE A 84 -7.34 -8.78 13.26
C PHE A 84 -6.13 -7.95 12.87
N MET A 85 -6.27 -7.17 11.80
CA MET A 85 -5.24 -6.23 11.38
C MET A 85 -5.85 -4.84 11.36
N VAL A 86 -5.35 -3.96 12.24
CA VAL A 86 -5.81 -2.58 12.32
C VAL A 86 -4.90 -1.74 11.45
N LEU A 87 -5.47 -1.06 10.46
CA LEU A 87 -4.71 -0.43 9.39
C LEU A 87 -5.08 1.03 9.23
N GLU A 88 -4.23 1.75 8.50
CA GLU A 88 -4.46 3.15 8.20
C GLU A 88 -5.72 3.32 7.36
N TYR A 89 -6.61 4.20 7.80
CA TYR A 89 -7.87 4.42 7.11
C TYR A 89 -7.67 5.30 5.89
N CYS A 90 -8.20 4.87 4.74
CA CYS A 90 -8.06 5.56 3.47
C CYS A 90 -9.45 5.85 2.92
N PRO A 91 -10.09 6.94 3.35
CA PRO A 91 -11.43 7.27 2.86
C PRO A 91 -11.46 7.85 1.46
N GLY A 92 -10.32 8.08 0.83
CA GLY A 92 -10.28 8.68 -0.50
C GLY A 92 -10.59 7.75 -1.64
N GLY A 93 -10.78 6.46 -1.38
CA GLY A 93 -11.09 5.51 -2.43
C GLY A 93 -9.85 5.01 -3.16
N GLU A 94 -10.09 4.12 -4.11
CA GLU A 94 -9.01 3.52 -4.86
C GLU A 94 -8.58 4.41 -6.02
N LEU A 95 -7.33 4.25 -6.45
CA LEU A 95 -6.88 4.90 -7.68
C LEU A 95 -7.74 4.49 -8.85
N PHE A 96 -8.28 3.27 -8.82
CA PHE A 96 -9.25 2.82 -9.82
C PHE A 96 -10.41 3.80 -9.93
N ASP A 97 -10.95 4.23 -8.79
CA ASP A 97 -12.07 5.18 -8.79
C ASP A 97 -11.64 6.51 -9.42
N TYR A 98 -10.47 7.01 -9.02
CA TYR A 98 -10.01 8.30 -9.54
C TYR A 98 -9.85 8.28 -11.05
N ILE A 99 -9.30 7.18 -11.59
CA ILE A 99 -9.11 7.09 -13.03
C ILE A 99 -10.46 7.04 -13.74
N ILE A 100 -11.37 6.19 -13.25
CA ILE A 100 -12.62 5.96 -13.96
C ILE A 100 -13.53 7.17 -13.90
N SER A 101 -13.45 7.98 -12.83
CA SER A 101 -14.25 9.18 -12.74
C SER A 101 -13.70 10.32 -13.58
N GLN A 102 -12.40 10.31 -13.86
CA GLN A 102 -11.77 11.29 -14.73
C GLN A 102 -11.34 10.24 -15.75
N ASP A 103 -12.13 10.02 -16.80
CA ASP A 103 -11.96 8.91 -17.74
C ASP A 103 -10.49 8.58 -17.92
N ARG A 104 -9.63 9.60 -17.89
CA ARG A 104 -8.19 9.40 -17.89
C ARG A 104 -7.54 10.65 -17.27
N LEU A 105 -6.34 10.46 -16.75
CA LEU A 105 -5.59 11.57 -16.17
C LEU A 105 -4.71 12.23 -17.21
N SER A 106 -4.50 13.53 -17.05
CA SER A 106 -3.52 14.23 -17.87
C SER A 106 -2.11 13.82 -17.45
N GLU A 107 -1.13 14.18 -18.28
CA GLU A 107 0.25 13.86 -17.95
C GLU A 107 0.67 14.49 -16.63
N GLU A 108 0.24 15.71 -16.37
CA GLU A 108 0.58 16.38 -15.12
C GLU A 108 -0.08 15.68 -13.93
N GLU A 109 -1.37 15.36 -14.04
CA GLU A 109 -2.05 14.63 -12.98
C GLU A 109 -1.45 13.25 -12.78
N THR A 110 -1.05 12.60 -13.89
CA THR A 110 -0.45 11.28 -13.79
C THR A 110 0.87 11.32 -13.03
N ARG A 111 1.70 12.33 -13.32
CA ARG A 111 3.00 12.45 -12.66
C ARG A 111 2.84 12.61 -11.16
N VAL A 112 1.86 13.39 -10.72
CA VAL A 112 1.60 13.56 -9.29
C VAL A 112 1.35 12.21 -8.64
N VAL A 113 0.52 11.38 -9.26
CA VAL A 113 0.19 10.08 -8.69
C VAL A 113 1.33 9.10 -8.87
N PHE A 114 1.92 9.06 -10.07
CA PHE A 114 2.93 8.05 -10.37
C PHE A 114 4.17 8.22 -9.49
N ARG A 115 4.57 9.46 -9.22
CA ARG A 115 5.73 9.69 -8.38
C ARG A 115 5.53 9.11 -6.98
N GLN A 116 4.30 9.13 -6.47
CA GLN A 116 4.03 8.48 -5.20
C GLN A 116 4.11 6.96 -5.32
N ILE A 117 3.65 6.41 -6.45
CA ILE A 117 3.77 4.97 -6.68
C ILE A 117 5.24 4.57 -6.73
N VAL A 118 6.03 5.29 -7.52
CA VAL A 118 7.46 5.01 -7.59
C VAL A 118 8.09 5.10 -6.21
N SER A 119 7.65 6.07 -5.40
CA SER A 119 8.18 6.23 -4.05
C SER A 119 7.93 4.99 -3.20
N ALA A 120 6.68 4.52 -3.18
CA ALA A 120 6.34 3.36 -2.36
C ALA A 120 7.07 2.12 -2.85
N VAL A 121 7.09 1.88 -4.16
CA VAL A 121 7.66 0.65 -4.69
C VAL A 121 9.17 0.64 -4.53
N ALA A 122 9.82 1.79 -4.74
CA ALA A 122 11.27 1.86 -4.55
C ALA A 122 11.65 1.59 -3.11
N TYR A 123 10.86 2.08 -2.16
CA TYR A 123 11.12 1.77 -0.75
C TYR A 123 10.91 0.29 -0.47
N VAL A 124 9.87 -0.30 -1.07
CA VAL A 124 9.62 -1.73 -0.89
C VAL A 124 10.82 -2.54 -1.34
N HIS A 125 11.36 -2.22 -2.52
CA HIS A 125 12.51 -2.95 -3.03
C HIS A 125 13.75 -2.69 -2.19
N SER A 126 13.90 -1.48 -1.63
CA SER A 126 15.03 -1.18 -0.77
C SER A 126 15.01 -2.01 0.50
N GLN A 127 13.86 -2.52 0.90
CA GLN A 127 13.72 -3.35 2.09
C GLN A 127 13.82 -4.84 1.80
N GLY A 128 14.13 -5.21 0.56
CA GLY A 128 14.22 -6.61 0.19
C GLY A 128 12.92 -7.27 -0.20
N TYR A 129 11.88 -6.49 -0.46
CA TYR A 129 10.57 -7.02 -0.84
C TYR A 129 10.23 -6.65 -2.28
N ALA A 130 9.25 -7.37 -2.81
CA ALA A 130 8.62 -7.03 -4.08
C ALA A 130 7.12 -7.21 -3.92
N HIS A 131 6.34 -6.28 -4.46
CA HIS A 131 4.90 -6.30 -4.22
C HIS A 131 4.21 -7.41 -5.01
N ARG A 132 4.51 -7.51 -6.30
CA ARG A 132 4.00 -8.56 -7.20
C ARG A 132 2.50 -8.52 -7.41
N ASP A 133 1.83 -7.43 -7.03
CA ASP A 133 0.40 -7.30 -7.28
C ASP A 133 0.02 -5.83 -7.41
N LEU A 134 0.87 -5.05 -8.09
CA LEU A 134 0.60 -3.64 -8.27
C LEU A 134 -0.54 -3.43 -9.26
N LYS A 135 -1.56 -2.71 -8.83
CA LYS A 135 -2.75 -2.45 -9.63
C LYS A 135 -3.50 -1.29 -9.01
N PRO A 136 -4.31 -0.56 -9.79
CA PRO A 136 -5.02 0.60 -9.23
C PRO A 136 -5.93 0.25 -8.07
N GLU A 137 -6.38 -1.01 -7.97
CA GLU A 137 -7.22 -1.42 -6.86
C GLU A 137 -6.44 -1.55 -5.56
N ASN A 138 -5.11 -1.63 -5.63
CA ASN A 138 -4.27 -1.76 -4.45
C ASN A 138 -3.59 -0.46 -4.07
N LEU A 139 -4.04 0.67 -4.64
CA LEU A 139 -3.56 1.99 -4.27
C LEU A 139 -4.76 2.82 -3.84
N LEU A 140 -4.77 3.28 -2.59
CA LEU A 140 -5.87 4.01 -2.02
C LEU A 140 -5.43 5.43 -1.64
N PHE A 141 -6.39 6.35 -1.66
CA PHE A 141 -6.16 7.72 -1.24
C PHE A 141 -6.64 7.90 0.20
N ASP A 142 -5.90 8.70 0.97
CA ASP A 142 -6.33 9.08 2.30
C ASP A 142 -7.18 10.36 2.19
N GLU A 143 -7.47 11.00 3.31
CA GLU A 143 -8.21 12.25 3.28
C GLU A 143 -7.38 13.43 2.82
N TYR A 144 -6.07 13.23 2.60
CA TYR A 144 -5.18 14.26 2.08
C TYR A 144 -4.84 14.04 0.62
N HIS A 145 -5.55 13.13 -0.06
CA HIS A 145 -5.31 12.81 -1.47
C HIS A 145 -3.90 12.27 -1.69
N LYS A 146 -3.31 11.67 -0.66
CA LYS A 146 -2.01 11.02 -0.75
C LYS A 146 -2.21 9.51 -0.91
N LEU A 147 -1.45 8.92 -1.83
CA LEU A 147 -1.61 7.52 -2.18
C LEU A 147 -1.04 6.61 -1.11
N LYS A 148 -1.68 5.46 -0.93
CA LYS A 148 -1.26 4.44 0.01
C LYS A 148 -1.33 3.08 -0.66
N LEU A 149 -0.23 2.35 -0.65
CA LEU A 149 -0.16 1.02 -1.23
C LEU A 149 -0.58 -0.02 -0.19
N ILE A 150 -1.42 -0.97 -0.62
CA ILE A 150 -1.99 -1.96 0.28
C ILE A 150 -1.74 -3.36 -0.28
N ASP A 151 -2.18 -4.36 0.48
CA ASP A 151 -2.20 -5.76 0.06
C ASP A 151 -0.86 -6.40 -0.27
N PHE A 152 -0.04 -6.64 0.75
CA PHE A 152 1.23 -7.35 0.60
C PHE A 152 1.14 -8.87 0.75
N GLY A 153 0.07 -9.47 0.24
CA GLY A 153 -0.09 -10.91 0.35
C GLY A 153 0.95 -11.71 -0.41
N LEU A 154 1.59 -11.08 -1.38
CA LEU A 154 2.62 -11.74 -2.16
C LEU A 154 3.93 -10.94 -2.06
N CYS A 155 4.98 -11.56 -1.57
CA CYS A 155 6.25 -10.88 -1.43
C CYS A 155 7.43 -11.73 -1.91
N GLY A 171 -1.36 -12.73 -8.97
CA GLY A 171 -1.74 -11.34 -9.19
C GLY A 171 -2.73 -11.17 -10.32
N SER A 172 -3.26 -9.96 -10.47
CA SER A 172 -4.19 -9.66 -11.55
C SER A 172 -3.48 -9.81 -12.89
N LEU A 173 -4.16 -10.46 -13.84
CA LEU A 173 -3.49 -10.97 -15.03
C LEU A 173 -3.07 -9.83 -15.96
N ALA A 174 -3.91 -8.81 -16.12
CA ALA A 174 -3.60 -7.71 -17.03
C ALA A 174 -2.42 -6.86 -16.57
N TYR A 175 -2.00 -7.00 -15.31
CA TYR A 175 -0.87 -6.26 -14.78
C TYR A 175 0.36 -7.13 -14.56
N ALA A 176 0.29 -8.42 -14.85
CA ALA A 176 1.39 -9.34 -14.60
C ALA A 176 2.34 -9.36 -15.78
N ALA A 177 3.64 -9.41 -15.47
CA ALA A 177 4.67 -9.41 -16.50
C ALA A 177 4.61 -10.70 -17.32
N PRO A 178 5.13 -10.68 -18.55
CA PRO A 178 5.07 -11.89 -19.38
C PRO A 178 5.71 -13.11 -18.76
N GLU A 179 6.86 -12.95 -18.09
CA GLU A 179 7.50 -14.09 -17.43
C GLU A 179 6.64 -14.67 -16.31
N LEU A 180 5.74 -13.86 -15.74
CA LEU A 180 4.76 -14.41 -14.81
C LEU A 180 3.73 -15.27 -15.54
N ILE A 181 3.34 -14.85 -16.74
CA ILE A 181 2.33 -15.57 -17.50
C ILE A 181 2.84 -16.96 -17.87
N GLN A 182 4.11 -17.07 -18.24
CA GLN A 182 4.69 -18.35 -18.62
C GLN A 182 5.03 -19.23 -17.43
N GLY A 183 4.91 -18.72 -16.20
CA GLY A 183 5.26 -19.50 -15.04
C GLY A 183 6.74 -19.71 -14.84
N LYS A 184 7.58 -19.06 -15.65
CA LYS A 184 9.02 -19.21 -15.52
C LYS A 184 9.51 -18.43 -14.29
N SER A 185 10.80 -18.60 -13.99
CA SER A 185 11.43 -17.86 -12.91
C SER A 185 11.45 -16.37 -13.22
N TYR A 186 11.60 -15.56 -12.17
CA TYR A 186 11.55 -14.12 -12.34
C TYR A 186 12.08 -13.45 -11.08
N LEU A 187 12.58 -12.23 -11.26
CA LEU A 187 12.90 -11.34 -10.16
C LEU A 187 11.67 -10.48 -9.87
N GLY A 188 11.25 -10.45 -8.61
CA GLY A 188 10.06 -9.70 -8.25
C GLY A 188 10.17 -8.22 -8.59
N SER A 189 11.38 -7.67 -8.46
CA SER A 189 11.57 -6.24 -8.74
C SER A 189 11.28 -5.92 -10.19
N GLU A 190 11.72 -6.77 -11.11
CA GLU A 190 11.44 -6.54 -12.53
C GLU A 190 9.96 -6.77 -12.85
N ALA A 191 9.30 -7.65 -12.10
CA ALA A 191 7.86 -7.83 -12.27
C ALA A 191 7.10 -6.60 -11.83
N ASP A 192 7.58 -5.92 -10.78
CA ASP A 192 6.92 -4.71 -10.32
C ASP A 192 7.07 -3.57 -11.33
N VAL A 193 8.22 -3.49 -11.98
CA VAL A 193 8.45 -2.41 -12.95
C VAL A 193 7.49 -2.55 -14.12
N TRP A 194 7.24 -3.79 -14.58
CA TRP A 194 6.27 -3.99 -15.64
C TRP A 194 4.89 -3.52 -15.23
N SER A 195 4.43 -3.93 -14.05
CA SER A 195 3.11 -3.52 -13.57
C SER A 195 3.01 -2.00 -13.46
N MET A 196 4.09 -1.35 -13.02
CA MET A 196 4.08 0.11 -12.98
C MET A 196 4.00 0.70 -14.38
N GLY A 197 4.57 0.03 -15.37
CA GLY A 197 4.37 0.47 -16.75
C GLY A 197 2.93 0.32 -17.19
N ILE A 198 2.28 -0.77 -16.80
CA ILE A 198 0.85 -0.92 -17.06
C ILE A 198 0.06 0.15 -16.32
N LEU A 199 0.48 0.46 -15.08
CA LEU A 199 -0.17 1.51 -14.32
C LEU A 199 -0.04 2.85 -15.03
N LEU A 200 1.17 3.17 -15.52
CA LEU A 200 1.39 4.43 -16.22
C LEU A 200 0.49 4.53 -17.45
N TYR A 201 0.33 3.43 -18.18
CA TYR A 201 -0.54 3.44 -19.36
C TYR A 201 -1.99 3.67 -18.98
N VAL A 202 -2.47 2.98 -17.94
CA VAL A 202 -3.86 3.13 -17.52
C VAL A 202 -4.13 4.53 -17.03
N LEU A 203 -3.16 5.13 -16.33
CA LEU A 203 -3.36 6.47 -15.77
C LEU A 203 -3.59 7.50 -16.87
N MET A 204 -2.87 7.37 -17.99
CA MET A 204 -2.92 8.38 -19.04
C MET A 204 -3.90 8.04 -20.16
N CYS A 205 -4.33 6.79 -20.28
CA CYS A 205 -5.26 6.38 -21.32
C CYS A 205 -6.65 6.03 -20.81
N GLY A 206 -6.77 5.58 -19.57
CA GLY A 206 -8.05 5.15 -19.04
C GLY A 206 -8.46 3.75 -19.42
N PHE A 207 -7.63 3.01 -20.15
CA PHE A 207 -7.89 1.63 -20.49
C PHE A 207 -6.58 0.85 -20.44
N LEU A 208 -6.69 -0.48 -20.48
CA LEU A 208 -5.51 -1.32 -20.40
C LEU A 208 -4.79 -1.39 -21.74
N PRO A 209 -3.45 -1.53 -21.72
CA PRO A 209 -2.72 -1.70 -22.99
C PRO A 209 -2.89 -3.08 -23.57
N PHE A 210 -3.11 -4.08 -22.71
CA PHE A 210 -3.38 -5.46 -23.12
C PHE A 210 -4.69 -5.87 -22.48
N ASP A 211 -5.72 -6.08 -23.30
CA ASP A 211 -7.03 -6.45 -22.79
C ASP A 211 -7.73 -7.37 -23.80
N ASP A 212 -8.44 -8.36 -23.27
CA ASP A 212 -9.25 -9.27 -24.07
C ASP A 212 -10.20 -10.01 -23.16
N ASP A 213 -11.42 -10.26 -23.65
CA ASP A 213 -12.39 -10.99 -22.84
C ASP A 213 -11.99 -12.44 -22.64
N ASN A 214 -11.19 -12.99 -23.56
CA ASN A 214 -10.70 -14.36 -23.45
C ASN A 214 -9.30 -14.35 -22.84
N VAL A 215 -9.09 -15.19 -21.82
CA VAL A 215 -7.82 -15.18 -21.09
C VAL A 215 -6.69 -15.64 -22.00
N MET A 216 -6.92 -16.70 -22.79
CA MET A 216 -5.88 -17.19 -23.70
C MET A 216 -5.43 -16.09 -24.64
N ALA A 217 -6.36 -15.31 -25.17
CA ALA A 217 -5.98 -14.21 -26.06
C ALA A 217 -5.24 -13.12 -25.31
N LEU A 218 -5.54 -12.92 -24.03
CA LEU A 218 -4.82 -11.92 -23.26
C LEU A 218 -3.41 -12.42 -22.94
N TYR A 219 -3.26 -13.72 -22.63
CA TYR A 219 -1.94 -14.33 -22.54
C TYR A 219 -1.08 -13.97 -23.74
N LYS A 220 -1.61 -14.19 -24.94
CA LYS A 220 -0.85 -13.93 -26.16
C LYS A 220 -0.54 -12.44 -26.31
N LYS A 221 -1.52 -11.57 -26.04
CA LYS A 221 -1.30 -10.14 -26.22
C LYS A 221 -0.20 -9.62 -25.31
N ILE A 222 -0.19 -10.05 -24.05
CA ILE A 222 0.85 -9.63 -23.12
C ILE A 222 2.21 -10.10 -23.61
N MET A 223 2.36 -11.39 -23.86
CA MET A 223 3.65 -11.94 -24.24
C MET A 223 4.13 -11.37 -25.58
N ARG A 224 3.21 -10.98 -26.45
CA ARG A 224 3.60 -10.29 -27.67
C ARG A 224 4.22 -8.94 -27.34
N GLY A 225 3.58 -8.18 -26.46
CA GLY A 225 4.12 -6.92 -25.98
C GLY A 225 3.71 -5.70 -26.78
N LYS A 226 2.97 -5.87 -27.86
CA LYS A 226 2.52 -4.74 -28.67
C LYS A 226 1.23 -4.15 -28.11
N TYR A 227 1.18 -2.82 -28.05
CA TYR A 227 0.03 -2.11 -27.54
C TYR A 227 -0.18 -0.84 -28.36
N ASP A 228 -1.42 -0.35 -28.37
CA ASP A 228 -1.74 0.87 -29.07
C ASP A 228 -1.25 2.08 -28.29
N VAL A 229 -0.76 3.08 -29.00
CA VAL A 229 -0.26 4.31 -28.38
C VAL A 229 -1.19 5.45 -28.79
N PRO A 230 -2.12 5.86 -27.94
CA PRO A 230 -3.08 6.89 -28.33
C PRO A 230 -2.41 8.20 -28.72
N LYS A 231 -3.11 8.98 -29.54
CA LYS A 231 -2.54 10.19 -30.10
C LYS A 231 -2.23 11.25 -29.06
N TRP A 232 -2.92 11.22 -27.91
CA TRP A 232 -2.75 12.25 -26.89
C TRP A 232 -1.53 12.03 -26.01
N LEU A 233 -0.76 10.98 -26.23
CA LEU A 233 0.42 10.72 -25.41
C LEU A 233 1.60 11.53 -25.91
N SER A 234 2.26 12.23 -24.99
CA SER A 234 3.45 13.00 -25.34
C SER A 234 4.57 12.06 -25.78
N PRO A 235 5.52 12.56 -26.58
CA PRO A 235 6.67 11.71 -26.96
C PRO A 235 7.43 11.19 -25.76
N SER A 236 7.57 11.99 -24.71
CA SER A 236 8.29 11.55 -23.51
C SER A 236 7.53 10.45 -22.80
N SER A 237 6.20 10.54 -22.76
CA SER A 237 5.39 9.50 -22.14
C SER A 237 5.56 8.17 -22.88
N ILE A 238 5.69 8.22 -24.20
CA ILE A 238 5.78 7.00 -25.00
C ILE A 238 7.06 6.25 -24.67
N LEU A 239 8.19 6.97 -24.62
CA LEU A 239 9.49 6.31 -24.44
C LEU A 239 9.67 5.78 -23.03
N LEU A 240 9.12 6.46 -22.03
CA LEU A 240 9.09 5.89 -20.69
C LEU A 240 8.28 4.61 -20.67
N LEU A 241 7.17 4.58 -21.42
CA LEU A 241 6.33 3.38 -21.46
C LEU A 241 7.10 2.20 -22.04
N GLN A 242 7.76 2.39 -23.17
CA GLN A 242 8.53 1.29 -23.76
C GLN A 242 9.77 0.97 -22.96
N GLN A 243 10.26 1.91 -22.13
CA GLN A 243 11.35 1.58 -21.21
C GLN A 243 10.88 0.72 -20.05
N MET A 244 9.60 0.79 -19.70
CA MET A 244 9.02 -0.04 -18.65
C MET A 244 8.35 -1.30 -19.18
N LEU A 245 7.69 -1.22 -20.33
CA LEU A 245 7.00 -2.36 -20.91
C LEU A 245 7.89 -3.09 -21.91
N GLN A 246 9.00 -3.64 -21.39
CA GLN A 246 9.89 -4.49 -22.17
C GLN A 246 9.59 -5.94 -21.86
N VAL A 247 9.31 -6.73 -22.90
CA VAL A 247 9.02 -8.15 -22.70
C VAL A 247 10.23 -8.85 -22.08
N ASP A 248 11.42 -8.54 -22.55
CA ASP A 248 12.64 -9.02 -21.93
C ASP A 248 12.79 -8.36 -20.56
N PRO A 249 12.72 -9.11 -19.45
CA PRO A 249 12.79 -8.46 -18.13
C PRO A 249 14.12 -7.80 -17.85
N LYS A 250 15.20 -8.26 -18.47
CA LYS A 250 16.51 -7.65 -18.26
C LYS A 250 16.72 -6.39 -19.07
N LYS A 251 15.79 -6.04 -19.96
CA LYS A 251 15.82 -4.78 -20.69
C LYS A 251 14.89 -3.75 -20.08
N ARG A 252 14.15 -4.10 -19.03
CA ARG A 252 13.30 -3.14 -18.34
C ARG A 252 14.16 -2.13 -17.59
N ILE A 253 13.67 -0.89 -17.52
CA ILE A 253 14.37 0.14 -16.77
C ILE A 253 14.43 -0.26 -15.30
N SER A 254 15.56 0.03 -14.66
CA SER A 254 15.71 -0.26 -13.24
C SER A 254 14.95 0.77 -12.41
N MET A 255 14.81 0.46 -11.12
CA MET A 255 14.14 1.39 -10.21
C MET A 255 14.99 2.64 -9.98
N LYS A 256 16.31 2.47 -9.90
CA LYS A 256 17.19 3.62 -9.69
C LYS A 256 17.08 4.61 -10.85
N ASN A 257 17.05 4.11 -12.08
CA ASN A 257 16.90 4.99 -13.24
C ASN A 257 15.51 5.62 -13.29
N LEU A 258 14.51 5.01 -12.65
CA LEU A 258 13.18 5.58 -12.62
C LEU A 258 13.10 6.76 -11.67
N LEU A 259 13.91 6.77 -10.62
CA LEU A 259 13.81 7.80 -9.59
C LEU A 259 14.11 9.20 -10.14
N ASN A 260 15.04 9.29 -11.09
CA ASN A 260 15.38 10.59 -11.69
C ASN A 260 15.24 10.53 -13.21
N HIS A 261 14.28 9.76 -13.70
CA HIS A 261 14.01 9.70 -15.13
C HIS A 261 13.56 11.07 -15.63
N PRO A 262 13.94 11.47 -16.85
CA PRO A 262 13.52 12.80 -17.35
C PRO A 262 12.03 13.06 -17.27
N TRP A 263 11.20 12.09 -17.68
CA TRP A 263 9.75 12.26 -17.59
C TRP A 263 9.32 12.44 -16.14
N ILE A 264 9.90 11.65 -15.23
CA ILE A 264 9.54 11.71 -13.82
C ILE A 264 9.81 13.09 -13.23
N MET A 265 10.88 13.74 -13.70
CA MET A 265 11.34 14.99 -13.10
C MET A 265 10.78 16.23 -13.78
N GLN A 266 10.07 16.10 -14.90
CA GLN A 266 9.46 17.24 -15.54
C GLN A 266 8.50 17.95 -14.58
N ASP A 267 8.65 19.27 -14.49
CA ASP A 267 7.86 20.14 -13.61
C ASP A 267 8.25 20.01 -12.14
N TYR A 268 9.11 19.04 -11.81
CA TYR A 268 9.56 18.85 -10.44
C TYR A 268 11.02 19.22 -10.23
N ASN A 269 11.92 18.69 -11.08
CA ASN A 269 13.35 18.99 -11.02
C ASN A 269 13.99 18.52 -9.72
N TYR A 270 13.45 17.46 -9.12
CA TYR A 270 14.11 16.73 -8.06
C TYR A 270 13.64 15.29 -8.11
N PRO A 271 14.51 14.32 -7.81
CA PRO A 271 14.13 12.91 -7.93
C PRO A 271 13.03 12.54 -6.96
N VAL A 272 12.48 11.34 -7.18
CA VAL A 272 11.42 10.83 -6.31
C VAL A 272 11.96 10.63 -4.91
N GLU A 273 11.30 11.23 -3.92
CA GLU A 273 11.65 11.04 -2.52
C GLU A 273 11.11 9.68 -2.09
N TRP A 274 11.94 8.65 -2.24
CA TRP A 274 11.52 7.28 -1.97
C TRP A 274 11.77 6.87 -0.52
N GLN A 275 12.74 7.48 0.15
CA GLN A 275 13.07 7.08 1.51
C GLN A 275 11.92 7.40 2.46
N SER A 276 11.83 6.60 3.52
CA SER A 276 10.76 6.75 4.50
C SER A 276 11.03 7.92 5.43
N LYS A 277 9.96 8.61 5.83
CA LYS A 277 10.03 9.61 6.88
C LYS A 277 9.43 9.12 8.19
N ASN A 278 8.41 8.26 8.14
CA ASN A 278 7.90 7.59 9.32
C ASN A 278 9.00 6.69 9.89
N PRO A 279 9.57 7.03 11.03
CA PRO A 279 10.75 6.30 11.52
C PRO A 279 10.37 5.16 12.46
N PHE A 280 11.35 4.29 12.68
CA PHE A 280 11.29 3.30 13.74
C PHE A 280 12.04 3.73 15.00
N ILE A 281 13.03 4.61 14.84
CA ILE A 281 13.97 4.94 15.91
C ILE A 281 13.41 6.08 16.77
N HIS A 282 13.24 7.25 16.17
CA HIS A 282 12.91 8.44 16.95
C HIS A 282 11.47 8.40 17.43
N LEU A 283 11.27 8.84 18.68
CA LEU A 283 9.97 8.86 19.32
C LEU A 283 9.56 10.29 19.62
N ASP A 284 8.26 10.56 19.54
CA ASP A 284 7.73 11.90 19.78
C ASP A 284 7.50 12.10 21.28
N ASP A 285 8.13 13.14 21.84
CA ASP A 285 8.11 13.33 23.28
C ASP A 285 6.72 13.69 23.79
N ASP A 286 5.96 14.45 23.00
CA ASP A 286 4.58 14.76 23.40
C ASP A 286 3.75 13.48 23.48
N CYS A 287 3.96 12.56 22.54
CA CYS A 287 3.20 11.31 22.55
C CYS A 287 3.66 10.38 23.67
N VAL A 288 4.96 10.30 23.91
CA VAL A 288 5.47 9.49 25.02
C VAL A 288 4.98 10.04 26.36
N THR A 289 4.89 11.37 26.47
CA THR A 289 4.39 11.97 27.69
C THR A 289 2.92 11.64 27.91
N GLU A 290 2.10 11.80 26.87
CA GLU A 290 0.67 11.52 27.00
C GLU A 290 0.42 10.05 27.33
N LEU A 291 1.22 9.16 26.75
CA LEU A 291 1.05 7.73 27.03
C LEU A 291 1.46 7.39 28.46
N SER A 292 2.57 7.97 28.94
CA SER A 292 3.07 7.62 30.26
C SER A 292 2.08 8.01 31.35
N VAL A 293 1.44 9.16 31.22
CA VAL A 293 0.44 9.61 32.19
C VAL A 293 -0.91 8.95 31.97
N HIS A 294 -0.90 7.70 31.52
CA HIS A 294 -2.13 6.96 31.23
C HIS A 294 -1.98 5.47 31.45
N HIS A 295 -0.76 5.03 31.80
CA HIS A 295 -0.51 3.62 32.07
C HIS A 295 0.14 3.39 33.44
N ARG A 296 0.37 4.45 34.21
CA ARG A 296 0.90 4.34 35.58
C ARG A 296 2.27 3.64 35.60
N ASN A 297 3.21 4.23 34.87
CA ASN A 297 4.59 3.78 34.90
C ASN A 297 5.48 4.94 34.50
N ASN A 298 6.76 4.85 34.87
CA ASN A 298 7.68 5.93 34.57
C ASN A 298 7.92 6.05 33.07
N ARG A 299 8.36 7.23 32.66
CA ARG A 299 8.44 7.54 31.23
C ARG A 299 9.46 6.68 30.51
N GLN A 300 10.62 6.43 31.15
CA GLN A 300 11.66 5.65 30.51
C GLN A 300 11.19 4.23 30.22
N THR A 301 10.37 3.66 31.11
CA THR A 301 9.78 2.36 30.83
C THR A 301 8.78 2.45 29.68
N MET A 302 7.95 3.48 29.67
CA MET A 302 7.01 3.67 28.57
C MET A 302 7.74 3.86 27.24
N GLU A 303 8.89 4.53 27.26
CA GLU A 303 9.67 4.73 26.04
C GLU A 303 10.24 3.41 25.53
N ASP A 304 10.76 2.57 26.44
CA ASP A 304 11.31 1.29 26.02
C ASP A 304 10.22 0.32 25.56
N LEU A 305 9.03 0.40 26.17
CA LEU A 305 7.93 -0.47 25.76
C LEU A 305 7.47 -0.13 24.33
N ILE A 306 7.40 1.16 24.00
CA ILE A 306 7.01 1.56 22.66
C ILE A 306 8.04 1.09 21.64
N SER A 307 9.32 1.09 22.02
CA SER A 307 10.40 0.76 21.10
C SER A 307 10.45 -0.73 20.74
N LEU A 308 9.70 -1.58 21.45
CA LEU A 308 9.67 -3.00 21.08
C LEU A 308 8.86 -3.24 19.83
N TRP A 309 7.94 -2.33 19.49
CA TRP A 309 7.13 -2.40 18.27
C TRP A 309 6.49 -3.79 18.11
N GLN A 310 5.75 -4.20 19.13
CA GLN A 310 5.06 -5.48 19.11
C GLN A 310 3.77 -5.45 18.29
N TYR A 311 3.33 -4.26 17.87
CA TYR A 311 2.05 -4.09 17.18
C TYR A 311 0.91 -4.64 18.04
N ASP A 312 1.02 -4.43 19.34
CA ASP A 312 -0.08 -4.66 20.27
C ASP A 312 -0.92 -3.38 20.35
N HIS A 313 -1.74 -3.24 21.40
CA HIS A 313 -2.50 -2.01 21.55
C HIS A 313 -1.60 -0.82 21.82
N LEU A 314 -0.41 -1.05 22.38
CA LEU A 314 0.48 0.06 22.73
C LEU A 314 0.97 0.78 21.48
N THR A 315 1.56 0.05 20.53
CA THR A 315 2.07 0.70 19.33
C THR A 315 0.93 1.28 18.50
N ALA A 316 -0.23 0.64 18.49
CA ALA A 316 -1.40 1.22 17.83
C ALA A 316 -1.75 2.57 18.45
N THR A 317 -1.78 2.64 19.78
CA THR A 317 -2.11 3.89 20.44
C THR A 317 -1.05 4.95 20.19
N TYR A 318 0.22 4.55 20.13
CA TYR A 318 1.30 5.52 19.92
C TYR A 318 1.20 6.14 18.52
N LEU A 319 1.08 5.31 17.49
CA LEU A 319 1.09 5.83 16.13
C LEU A 319 -0.21 6.53 15.78
N LEU A 320 -1.32 6.12 16.40
CA LEU A 320 -2.57 6.85 16.18
C LEU A 320 -2.56 8.20 16.90
N LEU A 321 -1.95 8.24 18.09
CA LEU A 321 -1.74 9.53 18.75
C LEU A 321 -0.72 10.36 17.97
N LEU A 322 0.29 9.70 17.40
CA LEU A 322 1.22 10.39 16.51
C LEU A 322 0.49 11.01 15.33
N ALA A 323 -0.44 10.27 14.71
CA ALA A 323 -1.20 10.82 13.59
C ALA A 323 -2.19 11.88 14.06
N LYS A 324 -2.80 11.68 15.23
CA LYS A 324 -3.69 12.68 15.78
C LYS A 324 -2.98 14.01 15.98
N LYS A 325 -1.70 13.95 16.38
CA LYS A 325 -0.92 15.16 16.55
C LYS A 325 -0.65 15.84 15.20
N ALA A 326 -0.34 15.05 14.17
CA ALA A 326 -0.02 15.62 12.87
C ALA A 326 -1.22 16.35 12.27
N ARG A 327 -2.43 15.95 12.62
CA ARG A 327 -3.64 16.61 12.13
C ARG A 327 -3.94 17.91 12.86
N GLY A 328 -3.09 18.32 13.81
CA GLY A 328 -3.34 19.51 14.58
C GLY A 328 -4.30 19.34 15.73
N LYS A 329 -4.86 18.16 15.92
CA LYS A 329 -5.74 17.90 17.04
C LYS A 329 -4.94 17.85 18.33
N PRO A 330 -5.58 18.09 19.48
CA PRO A 330 -4.86 18.02 20.75
C PRO A 330 -4.25 16.64 20.97
N VAL A 331 -2.98 16.63 21.36
CA VAL A 331 -2.26 15.39 21.62
C VAL A 331 -2.67 14.90 23.00
N ARG A 332 -3.91 14.47 23.10
CA ARG A 332 -4.47 13.95 24.35
C ARG A 332 -5.21 12.63 24.14
N LEU A 333 -5.29 11.83 25.19
CA LEU A 333 -5.96 10.53 25.11
C LEU A 333 -7.38 10.55 25.67
N ARG A 334 -8.31 10.01 24.89
CA ARG A 334 -9.72 9.95 25.29
C ARG A 334 -10.25 11.30 25.76
#